data_8G3Y
#
_entry.id   8G3Y
#
_cell.length_a   99.373
_cell.length_b   136.825
_cell.length_c   38.549
_cell.angle_alpha   90.00
_cell.angle_beta   90.00
_cell.angle_gamma   90.00
#
_symmetry.space_group_name_H-M   'P 21 21 2'
#
loop_
_entity.id
_entity.type
_entity.pdbx_description
1 polymer 'Maltodextrin-binding protein, Induced myeloid leukemia cell differentiation protein Mcl-1 chimera'
2 branched alpha-D-glucopyranose-(1-4)-alpha-D-glucopyranose
3 non-polymer 'CHLORIDE ION'
4 non-polymer 1,2-ETHANEDIOL
5 non-polymer DI(HYDROXYETHYL)ETHER
6 non-polymer "N-[(1'S,3aS,5R,15S,17S,19Z,21S,21aR)-6'-chloro-20-fluoro-21-{[(5S,9aS)-hexahydropyrazino[2,1-c][1,4]oxazin-8(1H)-yl]methyl}-21-methoxy-17-methyl-13,15-dioxo-2,3,3',3a,4,4',13,16,17,18,21,21a-dodecahydro-2'H,6H,8H-15lambda~6~-spiro[10,12-(ethanediylidene)-15lambda~6~-furo[3,2-i][1,4]oxazepino[3,4-f][1,2,7]thiadiazacyclohexadecine-7,1'-naphthalen]-15-yl]-3-methoxy-1-methyl-1H-pyrazole-4-carboxamide"
7 water water
#
_entity_poly.entity_id   1
_entity_poly.type   'polypeptide(L)'
_entity_poly.pdbx_seq_one_letter_code
;GKIEEGKLVIWINGDKGYNGLAEVGKKFEKDTGIKVTVEHPDKLEEKFPQVAATGDGPDIIFWAHDRFGGYAQSGLLAEI
TPDKAFQDKLYPFTWDAVRYNGKLIAYPIAVEALSLIYNKDLLPNPPKTWEEIPALDKELKAKGKSALMFNLQEPYFTWP
LIAADGGYAFKYENGKYDIKDVGVDNAGAKAGLTFLVDLIKNKHMNADTDYSIAEAAFNKGETAMTINGPWAWSNIDTSK
VNYGVTVLPTFKGQPSKPFVGVLSAGINAASPNKELAKEFLENYLLTDEGLEAVNKDKPLGAVALKSYEEELAKDPRIAA
TMENAQKGEIMPNIPQMSAFWYAVRTAVINAASGRQTVDEALKDAQTGSELYRQSLEIISRYLREQATGAADTAPMGASG
ATSRKALETLRRVGDGVQRNHETAFQGMLRKLDIKNEDDVKSLSRVMIHVFSDGVTNWGRIVTLISFGAFVAKHLKTINQ
ESCIEPLAESITDVLVRTKRDWLVKQRGWDGFVEFFHV
;
_entity_poly.pdbx_strand_id   A
#
loop_
_chem_comp.id
_chem_comp.type
_chem_comp.name
_chem_comp.formula
CL non-polymer 'CHLORIDE ION' 'Cl -1'
EDO non-polymer 1,2-ETHANEDIOL 'C2 H6 O2'
GLC D-saccharide, alpha linking alpha-D-glucopyranose 'C6 H12 O6'
PEG non-polymer DI(HYDROXYETHYL)ETHER 'C4 H10 O3'
YKL non-polymer N-[(1'S,3aS,5R,15S,17S,19Z,21S,21aR)-6'-chloro-20-fluoro-21-{[(5S,9aS)-hexahydropyrazino[2,1-c][1,4]oxazin-8(1H)-yl]methyl}-21-methoxy-17-methyl-13,15-dioxo-2,3,3',3a,4,4',13,16,17,18,21,21a-dodecahydro-2'H,6H,8H-15lambda~6~-spiro[10,12-(ethanediylidene)-15lambda~6~-furo[3,2-i][1,4]oxazepino[3,4-f][1,2,7]thiadiazacyclohexadecine-7,1'-naphthalen]-15-yl]-3-methoxy-1-methyl-1H-pyrazole-4-carboxamide 'C46 H59 Cl F N7 O8 S'
#
# COMPACT_ATOMS: atom_id res chain seq x y z
N GLY A 1 20.63 -14.29 -1.33
CA GLY A 1 21.40 -14.29 -0.05
C GLY A 1 20.85 -15.27 0.99
N LYS A 2 21.36 -15.14 2.22
CA LYS A 2 20.96 -16.01 3.33
C LYS A 2 21.01 -15.20 4.64
N ILE A 3 19.92 -15.24 5.41
CA ILE A 3 19.84 -14.50 6.68
C ILE A 3 20.68 -15.22 7.74
N GLU A 4 21.44 -14.45 8.52
CA GLU A 4 22.36 -14.98 9.53
C GLU A 4 21.61 -15.57 10.74
N GLU A 5 21.99 -16.79 11.11
CA GLU A 5 21.39 -17.46 12.26
C GLU A 5 22.02 -16.94 13.56
N GLY A 6 21.20 -16.83 14.61
CA GLY A 6 21.67 -16.48 15.96
C GLY A 6 21.73 -15.00 16.29
N LYS A 7 21.05 -14.17 15.50
CA LYS A 7 20.82 -12.76 15.84
C LYS A 7 19.50 -12.29 15.24
N LEU A 8 19.11 -11.06 15.54
CA LEU A 8 17.93 -10.47 14.92
C LEU A 8 18.29 -9.16 14.23
N VAL A 9 17.89 -9.05 12.98
CA VAL A 9 17.94 -7.79 12.23
C VAL A 9 16.49 -7.32 12.06
N ILE A 10 16.25 -6.07 12.46
CA ILE A 10 14.92 -5.46 12.40
C ILE A 10 14.97 -4.20 11.55
N TRP A 11 13.99 -4.06 10.64
CA TRP A 11 13.78 -2.85 9.86
C TRP A 11 12.52 -2.13 10.32
N ILE A 12 12.63 -0.82 10.49
CA ILE A 12 11.52 0.05 10.90
C ILE A 12 11.73 1.39 10.24
N ASN A 13 10.64 2.11 9.93
CA ASN A 13 10.76 3.38 9.22
C ASN A 13 11.44 4.47 10.05
N GLY A 14 12.12 5.37 9.37
CA GLY A 14 12.92 6.42 10.00
C GLY A 14 12.15 7.49 10.78
N ASP A 15 10.83 7.49 10.67
CA ASP A 15 9.97 8.39 11.47
C ASP A 15 9.46 7.79 12.80
N LYS A 16 9.80 6.51 13.05
CA LYS A 16 9.34 5.81 14.24
CA LYS A 16 9.35 5.78 14.24
C LYS A 16 10.43 5.78 15.31
N GLY A 17 10.08 5.32 16.51
CA GLY A 17 11.00 5.30 17.64
C GLY A 17 12.01 4.17 17.59
N TYR A 18 12.93 4.24 16.64
CA TYR A 18 13.91 3.16 16.43
C TYR A 18 14.97 3.09 17.52
N ASN A 19 15.25 4.20 18.18
CA ASN A 19 16.16 4.17 19.36
C ASN A 19 15.51 3.48 20.55
N GLY A 20 14.23 3.77 20.77
CA GLY A 20 13.42 3.06 21.76
C GLY A 20 13.34 1.57 21.46
N LEU A 21 13.14 1.23 20.20
CA LEU A 21 13.12 -0.17 19.79
C LEU A 21 14.47 -0.87 20.05
N ALA A 22 15.57 -0.17 19.78
CA ALA A 22 16.90 -0.69 20.09
C ALA A 22 17.10 -0.95 21.59
N GLU A 23 16.49 -0.10 22.44
CA GLU A 23 16.51 -0.27 23.89
CA GLU A 23 16.55 -0.30 23.89
C GLU A 23 15.86 -1.60 24.29
N VAL A 24 14.76 -1.94 23.61
CA VAL A 24 14.07 -3.22 23.83
C VAL A 24 15.00 -4.35 23.34
N GLY A 25 15.66 -4.13 22.20
CA GLY A 25 16.71 -5.02 21.70
C GLY A 25 17.82 -5.30 22.69
N LYS A 26 18.29 -4.27 23.39
CA LYS A 26 19.32 -4.44 24.42
C LYS A 26 18.83 -5.27 25.61
N LYS A 27 17.57 -5.09 26.01
CA LYS A 27 16.98 -5.92 27.07
C LYS A 27 16.93 -7.40 26.66
N PHE A 28 16.55 -7.64 25.40
CA PHE A 28 16.55 -8.99 24.82
C PHE A 28 17.95 -9.62 24.88
N GLU A 29 18.94 -8.86 24.45
CA GLU A 29 20.34 -9.29 24.49
C GLU A 29 20.83 -9.62 25.90
N LYS A 30 20.43 -8.82 26.88
CA LYS A 30 20.85 -9.05 28.28
CA LYS A 30 20.84 -9.06 28.28
C LYS A 30 20.34 -10.40 28.81
N ASP A 31 19.12 -10.78 28.45
CA ASP A 31 18.56 -12.08 28.86
C ASP A 31 19.15 -13.24 28.06
N THR A 32 19.27 -13.07 26.74
CA THR A 32 19.50 -14.19 25.82
C THR A 32 20.91 -14.31 25.22
N GLY A 33 21.69 -13.24 25.28
CA GLY A 33 22.96 -13.14 24.54
C GLY A 33 22.81 -12.92 23.03
N ILE A 34 21.59 -12.71 22.56
CA ILE A 34 21.31 -12.56 21.14
C ILE A 34 21.32 -11.05 20.84
N LYS A 35 22.18 -10.65 19.91
CA LYS A 35 22.30 -9.26 19.48
C LYS A 35 21.10 -8.89 18.59
N VAL A 36 20.51 -7.72 18.83
CA VAL A 36 19.40 -7.20 18.03
C VAL A 36 19.88 -5.93 17.34
N THR A 37 19.86 -5.92 16.01
CA THR A 37 20.27 -4.74 15.22
C THR A 37 19.02 -4.11 14.62
N VAL A 38 18.80 -2.84 14.93
CA VAL A 38 17.65 -2.09 14.39
C VAL A 38 18.19 -1.16 13.32
N GLU A 39 17.59 -1.22 12.13
CA GLU A 39 17.96 -0.38 11.01
C GLU A 39 16.73 0.34 10.47
N HIS A 40 16.94 1.51 9.87
CA HIS A 40 15.87 2.29 9.26
C HIS A 40 16.23 2.72 7.84
N PRO A 41 16.40 1.72 6.93
CA PRO A 41 16.80 2.07 5.57
C PRO A 41 15.75 2.91 4.84
N ASP A 42 16.18 3.73 3.89
CA ASP A 42 15.28 4.49 3.03
C ASP A 42 14.45 3.54 2.18
N LYS A 43 13.18 3.87 1.96
CA LYS A 43 12.28 3.10 1.09
C LYS A 43 12.23 1.61 1.48
N LEU A 44 12.23 1.33 2.78
CA LEU A 44 12.31 -0.05 3.27
C LEU A 44 11.13 -0.91 2.81
N GLU A 45 9.97 -0.28 2.67
CA GLU A 45 8.76 -0.97 2.20
C GLU A 45 8.86 -1.44 0.74
N GLU A 46 9.69 -0.76 -0.06
CA GLU A 46 10.03 -1.20 -1.42
C GLU A 46 11.21 -2.16 -1.43
N LYS A 47 12.19 -1.94 -0.55
CA LYS A 47 13.36 -2.81 -0.46
C LYS A 47 13.03 -4.19 0.08
N PHE A 48 12.16 -4.26 1.08
CA PHE A 48 11.84 -5.54 1.70
C PHE A 48 11.38 -6.64 0.73
N PRO A 49 10.37 -6.37 -0.12
CA PRO A 49 9.94 -7.41 -1.06
C PRO A 49 11.03 -7.87 -2.04
N GLN A 50 11.92 -6.95 -2.42
CA GLN A 50 13.00 -7.27 -3.34
C GLN A 50 14.01 -8.20 -2.70
N VAL A 51 14.51 -7.82 -1.53
CA VAL A 51 15.53 -8.60 -0.82
C VAL A 51 14.97 -9.89 -0.21
N ALA A 52 13.74 -9.83 0.32
CA ALA A 52 13.09 -11.02 0.87
C ALA A 52 12.83 -12.10 -0.18
N ALA A 53 12.54 -11.69 -1.41
CA ALA A 53 12.32 -12.63 -2.53
C ALA A 53 13.53 -13.54 -2.81
N THR A 54 14.75 -13.04 -2.53
CA THR A 54 15.99 -13.82 -2.68
C THR A 54 16.43 -14.56 -1.41
N GLY A 55 15.58 -14.58 -0.38
CA GLY A 55 15.90 -15.21 0.90
C GLY A 55 16.77 -14.35 1.81
N ASP A 56 16.80 -13.05 1.54
CA ASP A 56 17.63 -12.11 2.27
C ASP A 56 16.73 -11.16 3.08
N GLY A 57 17.31 -10.10 3.64
CA GLY A 57 16.56 -9.04 4.31
C GLY A 57 16.59 -9.17 5.82
N PRO A 58 15.78 -8.36 6.53
CA PRO A 58 15.74 -8.44 7.99
C PRO A 58 14.93 -9.65 8.47
N ASP A 59 15.14 -10.05 9.72
CA ASP A 59 14.30 -11.07 10.36
C ASP A 59 12.89 -10.54 10.63
N ILE A 60 12.79 -9.27 10.99
CA ILE A 60 11.52 -8.62 11.36
C ILE A 60 11.40 -7.33 10.57
N ILE A 61 10.23 -7.11 9.97
CA ILE A 61 9.95 -5.85 9.25
C ILE A 61 8.75 -5.18 9.91
N PHE A 62 8.91 -3.88 10.19
CA PHE A 62 7.85 -3.03 10.71
C PHE A 62 7.35 -2.12 9.60
N TRP A 63 6.03 -2.13 9.40
CA TRP A 63 5.36 -1.15 8.54
C TRP A 63 3.90 -1.14 8.92
N ALA A 64 3.15 -0.14 8.45
CA ALA A 64 1.70 -0.21 8.50
C ALA A 64 1.19 -1.48 7.81
N HIS A 65 0.10 -2.01 8.32
CA HIS A 65 -0.47 -3.28 7.86
C HIS A 65 -0.84 -3.36 6.38
N ASP A 66 -1.06 -2.21 5.72
CA ASP A 66 -1.50 -2.22 4.31
C ASP A 66 -0.55 -2.93 3.34
N ARG A 67 0.75 -2.91 3.60
CA ARG A 67 1.75 -3.54 2.71
C ARG A 67 1.87 -5.05 2.91
N PHE A 68 1.34 -5.56 4.01
CA PHE A 68 1.65 -6.93 4.44
C PHE A 68 0.93 -8.03 3.64
N GLY A 69 -0.26 -7.76 3.12
CA GLY A 69 -0.95 -8.76 2.30
C GLY A 69 -0.19 -9.06 1.02
N GLY A 70 0.38 -8.03 0.41
CA GLY A 70 1.26 -8.18 -0.75
C GLY A 70 2.48 -9.03 -0.43
N TYR A 71 3.11 -8.77 0.71
CA TYR A 71 4.26 -9.56 1.17
C TYR A 71 3.85 -11.02 1.41
N ALA A 72 2.71 -11.21 2.07
CA ALA A 72 2.20 -12.55 2.37
C ALA A 72 1.82 -13.32 1.12
N GLN A 73 1.18 -12.64 0.16
CA GLN A 73 0.82 -13.26 -1.13
C GLN A 73 2.07 -13.75 -1.88
N SER A 74 3.16 -12.99 -1.79
CA SER A 74 4.45 -13.34 -2.38
C SER A 74 5.26 -14.39 -1.59
N GLY A 75 4.75 -14.86 -0.46
CA GLY A 75 5.41 -15.90 0.33
C GLY A 75 6.57 -15.41 1.19
N LEU A 76 6.58 -14.11 1.50
CA LEU A 76 7.69 -13.49 2.20
C LEU A 76 7.56 -13.41 3.72
N LEU A 77 6.39 -13.80 4.26
CA LEU A 77 6.12 -13.72 5.70
C LEU A 77 5.78 -15.07 6.32
N ALA A 78 6.32 -15.30 7.52
CA ALA A 78 5.97 -16.46 8.32
C ALA A 78 4.58 -16.26 8.92
N GLU A 79 3.81 -17.34 9.01
CA GLU A 79 2.53 -17.30 9.72
C GLU A 79 2.77 -17.12 11.21
N ILE A 80 1.97 -16.26 11.82
CA ILE A 80 2.04 -15.91 13.22
C ILE A 80 0.99 -16.75 13.95
N THR A 81 1.41 -17.45 15.00
CA THR A 81 0.55 -18.37 15.75
C THR A 81 0.69 -18.14 17.27
N PRO A 82 0.22 -16.98 17.76
CA PRO A 82 0.27 -16.77 19.20
C PRO A 82 -0.80 -17.58 19.91
N ASP A 83 -0.54 -17.96 21.16
CA ASP A 83 -1.56 -18.67 21.95
C ASP A 83 -2.71 -17.72 22.30
N LYS A 84 -3.82 -18.30 22.76
CA LYS A 84 -5.00 -17.52 23.16
C LYS A 84 -4.66 -16.46 24.20
N ALA A 85 -3.87 -16.85 25.20
CA ALA A 85 -3.46 -15.94 26.27
C ALA A 85 -2.82 -14.68 25.71
N PHE A 86 -1.92 -14.84 24.74
CA PHE A 86 -1.30 -13.67 24.12
C PHE A 86 -2.28 -12.90 23.22
N GLN A 87 -3.01 -13.61 22.37
CA GLN A 87 -3.97 -12.96 21.47
C GLN A 87 -5.00 -12.09 22.20
N ASP A 88 -5.50 -12.59 23.33
CA ASP A 88 -6.46 -11.84 24.15
C ASP A 88 -5.91 -10.55 24.78
N LYS A 89 -4.58 -10.38 24.84
CA LYS A 89 -3.99 -9.15 25.37
C LYS A 89 -4.01 -7.97 24.39
N LEU A 90 -4.29 -8.22 23.12
CA LEU A 90 -4.43 -7.17 22.11
C LEU A 90 -5.87 -7.03 21.63
N TYR A 91 -6.24 -5.85 21.14
CA TYR A 91 -7.60 -5.61 20.66
C TYR A 91 -7.91 -6.44 19.43
N PRO A 92 -9.09 -7.12 19.39
CA PRO A 92 -9.44 -7.97 18.23
C PRO A 92 -9.34 -7.27 16.86
N PHE A 93 -9.70 -5.99 16.79
CA PHE A 93 -9.67 -5.27 15.52
C PHE A 93 -8.24 -5.07 15.01
N THR A 94 -7.25 -5.02 15.91
CA THR A 94 -5.84 -4.94 15.49
C THR A 94 -5.37 -6.27 14.85
N TRP A 95 -5.75 -7.40 15.43
CA TRP A 95 -5.51 -8.71 14.80
C TRP A 95 -6.16 -8.82 13.41
N ASP A 96 -7.36 -8.25 13.25
CA ASP A 96 -8.07 -8.24 11.96
C ASP A 96 -7.26 -7.53 10.86
N ALA A 97 -6.55 -6.47 11.24
CA ALA A 97 -5.70 -5.71 10.30
C ALA A 97 -4.54 -6.54 9.72
N VAL A 98 -4.09 -7.54 10.47
CA VAL A 98 -2.96 -8.39 10.08
C VAL A 98 -3.39 -9.82 9.75
N ARG A 99 -4.69 -10.02 9.45
CA ARG A 99 -5.16 -11.30 8.94
C ARG A 99 -5.25 -11.22 7.42
N TYR A 100 -4.68 -12.22 6.74
CA TYR A 100 -4.71 -12.31 5.27
C TYR A 100 -4.99 -13.74 4.85
N ASN A 101 -6.05 -13.94 4.06
CA ASN A 101 -6.53 -15.27 3.69
C ASN A 101 -6.68 -16.20 4.90
N GLY A 102 -7.32 -15.66 5.94
CA GLY A 102 -7.62 -16.40 7.16
C GLY A 102 -6.46 -16.73 8.09
N LYS A 103 -5.28 -16.17 7.83
CA LYS A 103 -4.08 -16.44 8.61
C LYS A 103 -3.49 -15.13 9.10
N LEU A 104 -2.98 -15.13 10.34
CA LEU A 104 -2.27 -13.98 10.87
C LEU A 104 -0.87 -13.93 10.28
N ILE A 105 -0.50 -12.76 9.72
CA ILE A 105 0.79 -12.61 9.02
CA ILE A 105 0.77 -12.57 8.99
C ILE A 105 1.70 -11.55 9.65
N ALA A 106 1.30 -11.01 10.81
CA ALA A 106 2.11 -10.05 11.55
C ALA A 106 1.56 -9.86 12.96
N TYR A 107 2.37 -9.26 13.81
CA TYR A 107 1.93 -8.82 15.15
C TYR A 107 1.53 -7.35 15.05
N PRO A 108 0.30 -7.01 15.46
CA PRO A 108 -0.06 -5.59 15.45
C PRO A 108 0.54 -4.89 16.65
N ILE A 109 0.97 -3.63 16.44
CA ILE A 109 1.67 -2.85 17.46
C ILE A 109 0.83 -1.65 17.90
N ALA A 110 0.36 -0.85 16.95
CA ALA A 110 -0.34 0.40 17.29
C ALA A 110 -1.16 0.92 16.13
N VAL A 111 -2.23 1.65 16.47
CA VAL A 111 -3.14 2.25 15.51
C VAL A 111 -2.72 3.71 15.27
N GLU A 112 -2.53 4.04 14.00
CA GLU A 112 -2.10 5.35 13.55
C GLU A 112 -3.19 6.01 12.71
N ALA A 113 -3.52 7.25 13.03
CA ALA A 113 -4.35 8.08 12.16
C ALA A 113 -3.80 9.50 12.20
N LEU A 114 -3.92 10.20 11.07
CA LEU A 114 -3.53 11.60 11.00
C LEU A 114 -4.51 12.46 11.78
N SER A 115 -3.99 13.54 12.37
CA SER A 115 -4.81 14.57 13.00
C SER A 115 -4.35 15.93 12.51
N LEU A 116 -5.18 16.93 12.75
CA LEU A 116 -4.80 18.33 12.55
C LEU A 116 -4.03 18.75 13.80
N ILE A 117 -2.81 19.23 13.61
CA ILE A 117 -1.98 19.72 14.69
C ILE A 117 -1.89 21.22 14.48
N TYR A 118 -2.16 21.99 15.53
CA TYR A 118 -2.20 23.44 15.40
C TYR A 118 -1.46 24.16 16.52
N ASN A 119 -0.96 25.35 16.19
CA ASN A 119 -0.22 26.19 17.13
C ASN A 119 -1.22 27.10 17.83
N LYS A 120 -1.45 26.85 19.12
CA LYS A 120 -2.42 27.59 19.93
C LYS A 120 -2.08 29.07 20.10
N ASP A 121 -0.80 29.40 20.06
CA ASP A 121 -0.35 30.80 20.10
C ASP A 121 -0.61 31.59 18.81
N LEU A 122 -0.76 30.89 17.68
CA LEU A 122 -1.15 31.51 16.41
C LEU A 122 -2.65 31.39 16.13
N LEU A 123 -3.24 30.23 16.46
CA LEU A 123 -4.64 29.93 16.21
C LEU A 123 -5.27 29.34 17.45
N PRO A 124 -5.79 30.19 18.36
CA PRO A 124 -6.48 29.73 19.56
C PRO A 124 -7.57 28.70 19.30
N ASN A 125 -8.32 28.88 18.20
CA ASN A 125 -9.34 27.92 17.79
C ASN A 125 -9.05 27.46 16.36
N PRO A 126 -8.82 26.16 16.19
CA PRO A 126 -8.52 25.68 14.84
C PRO A 126 -9.75 25.74 13.95
N PRO A 127 -9.55 25.83 12.61
CA PRO A 127 -10.67 25.87 11.68
C PRO A 127 -11.39 24.52 11.64
N LYS A 128 -12.72 24.56 11.67
CA LYS A 128 -13.54 23.37 11.53
C LYS A 128 -13.69 22.90 10.08
N THR A 129 -13.41 23.79 9.12
CA THR A 129 -13.58 23.49 7.70
C THR A 129 -12.32 23.78 6.90
N TRP A 130 -12.11 23.00 5.85
CA TRP A 130 -11.08 23.28 4.85
C TRP A 130 -11.37 24.63 4.16
N GLU A 131 -12.64 24.90 3.90
CA GLU A 131 -13.07 26.08 3.13
C GLU A 131 -12.65 27.41 3.73
N GLU A 132 -12.49 27.46 5.05
CA GLU A 132 -12.07 28.69 5.73
C GLU A 132 -10.54 28.90 5.77
N ILE A 133 -9.77 27.92 5.30
CA ILE A 133 -8.30 28.01 5.38
C ILE A 133 -7.70 29.13 4.50
N PRO A 134 -8.18 29.30 3.24
CA PRO A 134 -7.65 30.41 2.44
C PRO A 134 -7.73 31.78 3.13
N ALA A 135 -8.90 32.11 3.70
CA ALA A 135 -9.08 33.37 4.41
C ALA A 135 -8.18 33.46 5.64
N LEU A 136 -8.05 32.34 6.35
CA LEU A 136 -7.16 32.26 7.50
C LEU A 136 -5.70 32.47 7.11
N ASP A 137 -5.29 31.88 5.99
CA ASP A 137 -3.93 32.09 5.48
C ASP A 137 -3.67 33.56 5.15
N LYS A 138 -4.63 34.22 4.51
CA LYS A 138 -4.52 35.64 4.19
C LYS A 138 -4.33 36.49 5.44
N GLU A 139 -5.09 36.15 6.48
CA GLU A 139 -4.98 36.81 7.78
C GLU A 139 -3.58 36.56 8.39
N LEU A 140 -3.10 35.33 8.33
CA LEU A 140 -1.78 34.97 8.86
C LEU A 140 -0.60 35.51 8.05
N LYS A 141 -0.75 35.60 6.74
CA LYS A 141 0.30 36.13 5.84
C LYS A 141 0.67 37.58 6.17
N ALA A 142 -0.31 38.36 6.63
CA ALA A 142 -0.05 39.72 7.12
C ALA A 142 0.82 39.78 8.39
N LYS A 143 0.89 38.68 9.15
CA LYS A 143 1.79 38.52 10.29
C LYS A 143 3.09 37.80 9.97
N GLY A 144 3.37 37.55 8.70
CA GLY A 144 4.51 36.74 8.30
C GLY A 144 4.42 35.27 8.66
N LYS A 145 3.20 34.74 8.67
CA LYS A 145 2.94 33.34 8.96
C LYS A 145 2.10 32.74 7.83
N SER A 146 1.94 31.43 7.87
CA SER A 146 1.00 30.74 6.97
C SER A 146 0.05 29.89 7.78
N ALA A 147 -1.09 29.54 7.18
CA ALA A 147 -2.09 28.71 7.86
C ALA A 147 -1.66 27.25 7.99
N LEU A 148 -1.22 26.65 6.89
CA LEU A 148 -1.11 25.19 6.82
C LEU A 148 0.04 24.73 5.95
N MET A 149 0.83 23.79 6.47
CA MET A 149 1.85 23.12 5.68
C MET A 149 1.90 21.67 6.11
N PHE A 150 1.86 20.79 5.11
CA PHE A 150 1.97 19.36 5.31
C PHE A 150 2.58 18.69 4.09
N ASN A 151 2.99 17.44 4.29
CA ASN A 151 3.68 16.69 3.26
C ASN A 151 2.79 16.46 2.02
N LEU A 152 3.15 17.08 0.91
CA LEU A 152 2.42 16.89 -0.37
C LEU A 152 3.08 15.84 -1.28
N GLN A 153 4.12 15.17 -0.80
CA GLN A 153 4.85 14.18 -1.60
C GLN A 153 4.39 12.75 -1.36
N GLU A 154 3.63 12.53 -0.29
CA GLU A 154 3.08 11.23 0.05
C GLU A 154 1.57 11.34 0.12
N PRO A 155 0.86 10.51 -0.69
CA PRO A 155 -0.60 10.66 -0.77
C PRO A 155 -1.37 10.34 0.52
N TYR A 156 -0.74 9.60 1.44
CA TYR A 156 -1.28 9.38 2.78
C TYR A 156 -1.85 10.65 3.42
N PHE A 157 -1.14 11.77 3.23
CA PHE A 157 -1.48 13.03 3.88
C PHE A 157 -2.60 13.80 3.19
N THR A 158 -2.72 13.62 1.87
CA THR A 158 -3.76 14.28 1.06
CA THR A 158 -3.76 14.27 1.07
C THR A 158 -5.03 13.44 0.96
N TRP A 159 -4.90 12.12 1.13
CA TRP A 159 -6.04 11.21 1.08
C TRP A 159 -7.27 11.59 1.94
N PRO A 160 -7.08 12.07 3.18
CA PRO A 160 -8.25 12.47 3.98
C PRO A 160 -9.17 13.47 3.27
N LEU A 161 -8.56 14.42 2.55
CA LEU A 161 -9.29 15.43 1.77
C LEU A 161 -9.93 14.85 0.51
N ILE A 162 -9.19 13.99 -0.20
CA ILE A 162 -9.69 13.32 -1.40
C ILE A 162 -10.89 12.43 -1.06
N ALA A 163 -10.81 11.71 0.06
CA ALA A 163 -11.88 10.80 0.48
C ALA A 163 -13.12 11.50 1.05
N ALA A 164 -12.98 12.76 1.46
CA ALA A 164 -14.04 13.47 2.21
C ALA A 164 -15.40 13.52 1.50
N ASP A 165 -15.39 13.99 0.26
CA ASP A 165 -16.63 14.16 -0.50
C ASP A 165 -16.97 12.92 -1.37
N GLY A 166 -16.31 11.80 -1.14
CA GLY A 166 -16.68 10.54 -1.80
C GLY A 166 -15.60 9.83 -2.59
N GLY A 167 -14.35 10.29 -2.55
CA GLY A 167 -13.25 9.50 -3.11
C GLY A 167 -13.08 8.22 -2.29
N TYR A 168 -12.74 7.12 -2.95
CA TYR A 168 -12.43 5.87 -2.24
C TYR A 168 -11.44 5.02 -3.04
N ALA A 169 -10.73 4.14 -2.34
CA ALA A 169 -9.79 3.24 -2.98
C ALA A 169 -10.53 2.03 -3.56
N PHE A 170 -10.99 1.13 -2.71
CA PHE A 170 -11.75 -0.06 -3.12
C PHE A 170 -13.05 -0.06 -2.32
N LYS A 171 -14.20 -0.11 -3.01
CA LYS A 171 -15.52 -0.04 -2.34
C LYS A 171 -15.69 -1.13 -1.28
N TYR A 172 -16.26 -0.78 -0.12
CA TYR A 172 -16.52 -1.77 0.95
C TYR A 172 -18.01 -1.78 1.30
N GLU A 173 -18.69 -2.92 1.15
CA GLU A 173 -20.16 -3.02 1.41
C GLU A 173 -20.48 -4.43 1.94
N TYR A 177 -15.00 -6.21 0.37
CA TYR A 177 -14.47 -5.28 -0.64
C TYR A 177 -14.94 -5.70 -2.03
N ASP A 178 -15.33 -4.70 -2.84
CA ASP A 178 -15.46 -4.89 -4.28
C ASP A 178 -14.18 -4.32 -4.90
N ILE A 179 -13.19 -5.20 -5.06
CA ILE A 179 -11.88 -4.86 -5.63
CA ILE A 179 -11.89 -4.81 -5.61
C ILE A 179 -11.99 -4.28 -7.05
N LYS A 180 -13.02 -4.68 -7.78
CA LYS A 180 -13.29 -4.13 -9.12
C LYS A 180 -13.78 -2.69 -9.13
N ASP A 181 -14.28 -2.21 -7.98
CA ASP A 181 -14.89 -0.89 -7.85
C ASP A 181 -13.91 0.07 -7.17
N VAL A 182 -13.26 0.90 -7.99
CA VAL A 182 -12.27 1.87 -7.54
C VAL A 182 -12.88 3.27 -7.68
N GLY A 183 -12.71 4.10 -6.65
CA GLY A 183 -13.33 5.44 -6.59
C GLY A 183 -12.33 6.58 -6.57
N VAL A 184 -11.29 6.46 -7.40
CA VAL A 184 -10.20 7.43 -7.45
C VAL A 184 -10.50 8.63 -8.35
N ASP A 185 -11.32 8.44 -9.40
CA ASP A 185 -11.66 9.54 -10.32
C ASP A 185 -13.15 9.91 -10.37
N ASN A 186 -13.84 9.74 -9.24
CA ASN A 186 -15.24 10.17 -9.12
C ASN A 186 -15.33 11.66 -8.75
N ALA A 187 -16.54 12.20 -8.72
CA ALA A 187 -16.75 13.63 -8.43
C ALA A 187 -16.20 14.04 -7.06
N GLY A 188 -16.33 13.18 -6.06
CA GLY A 188 -15.82 13.43 -4.73
C GLY A 188 -14.30 13.56 -4.69
N ALA A 189 -13.61 12.63 -5.34
CA ALA A 189 -12.14 12.67 -5.40
C ALA A 189 -11.64 13.91 -6.15
N LYS A 190 -12.30 14.24 -7.25
CA LYS A 190 -11.95 15.43 -8.03
C LYS A 190 -12.17 16.72 -7.24
N ALA A 191 -13.25 16.78 -6.46
CA ALA A 191 -13.55 17.96 -5.63
C ALA A 191 -12.46 18.18 -4.58
N GLY A 192 -12.08 17.10 -3.91
CA GLY A 192 -11.02 17.14 -2.90
C GLY A 192 -9.68 17.59 -3.47
N LEU A 193 -9.24 16.94 -4.55
CA LEU A 193 -7.94 17.26 -5.14
C LEU A 193 -7.94 18.65 -5.80
N THR A 194 -9.05 19.07 -6.38
CA THR A 194 -9.18 20.43 -6.92
C THR A 194 -9.05 21.48 -5.81
N PHE A 195 -9.63 21.21 -4.66
CA PHE A 195 -9.45 22.11 -3.52
C PHE A 195 -7.97 22.25 -3.14
N LEU A 196 -7.25 21.14 -3.08
CA LEU A 196 -5.82 21.15 -2.79
C LEU A 196 -5.04 21.92 -3.84
N VAL A 197 -5.33 21.66 -5.11
CA VAL A 197 -4.64 22.33 -6.22
C VAL A 197 -4.94 23.84 -6.21
N ASP A 198 -6.16 24.21 -5.89
CA ASP A 198 -6.55 25.63 -5.74
C ASP A 198 -5.79 26.31 -4.59
N LEU A 199 -5.59 25.61 -3.47
CA LEU A 199 -4.76 26.13 -2.38
C LEU A 199 -3.36 26.48 -2.88
N ILE A 200 -2.82 25.62 -3.75
CA ILE A 200 -1.49 25.81 -4.32
C ILE A 200 -1.49 26.95 -5.34
N LYS A 201 -2.47 26.95 -6.24
CA LYS A 201 -2.61 28.02 -7.25
CA LYS A 201 -2.64 28.01 -7.25
C LYS A 201 -2.71 29.39 -6.59
N ASN A 202 -3.45 29.48 -5.49
CA ASN A 202 -3.64 30.73 -4.74
C ASN A 202 -2.54 31.04 -3.70
N LYS A 203 -1.45 30.27 -3.75
CA LYS A 203 -0.23 30.48 -2.94
C LYS A 203 -0.44 30.30 -1.44
N HIS A 204 -1.45 29.53 -1.07
CA HIS A 204 -1.68 29.13 0.33
C HIS A 204 -0.82 27.91 0.70
N MET A 205 -0.42 27.12 -0.30
CA MET A 205 0.56 26.04 -0.11
C MET A 205 1.51 25.99 -1.31
N ASN A 206 2.60 25.25 -1.13
CA ASN A 206 3.66 25.09 -2.15
C ASN A 206 3.74 23.63 -2.53
N ALA A 207 3.67 23.33 -3.83
CA ALA A 207 3.68 21.95 -4.31
C ALA A 207 4.93 21.15 -3.90
N ASP A 208 6.05 21.85 -3.67
CA ASP A 208 7.31 21.20 -3.28
C ASP A 208 7.41 20.85 -1.79
N THR A 209 6.41 21.23 -0.97
CA THR A 209 6.46 20.93 0.47
C THR A 209 6.46 19.43 0.73
N ASP A 210 7.45 18.99 1.48
CA ASP A 210 7.61 17.58 1.85
C ASP A 210 7.56 17.43 3.37
N TYR A 211 7.82 16.22 3.86
CA TYR A 211 7.73 15.97 5.29
C TYR A 211 8.65 16.88 6.13
N SER A 212 9.91 16.97 5.73
CA SER A 212 10.90 17.73 6.47
CA SER A 212 10.92 17.74 6.44
C SER A 212 10.59 19.23 6.47
N ILE A 213 10.20 19.75 5.30
CA ILE A 213 9.88 21.18 5.18
C ILE A 213 8.68 21.56 6.06
N ALA A 214 7.60 20.77 5.99
CA ALA A 214 6.39 21.01 6.81
C ALA A 214 6.69 20.92 8.31
N GLU A 215 7.44 19.88 8.69
CA GLU A 215 7.82 19.69 10.10
C GLU A 215 8.63 20.87 10.64
N ALA A 216 9.63 21.30 9.87
CA ALA A 216 10.48 22.42 10.26
C ALA A 216 9.69 23.71 10.39
N ALA A 217 8.80 23.98 9.44
CA ALA A 217 7.98 25.18 9.47
C ALA A 217 7.03 25.21 10.68
N PHE A 218 6.40 24.08 10.99
CA PHE A 218 5.52 24.02 12.17
C PHE A 218 6.31 24.15 13.47
N ASN A 219 7.39 23.39 13.59
CA ASN A 219 8.19 23.37 14.82
C ASN A 219 8.98 24.68 15.07
N LYS A 220 9.20 25.47 14.01
CA LYS A 220 9.77 26.82 14.12
C LYS A 220 8.73 27.93 14.34
N GLY A 221 7.44 27.59 14.37
CA GLY A 221 6.37 28.57 14.56
C GLY A 221 6.05 29.42 13.33
N GLU A 222 6.43 28.95 12.15
CA GLU A 222 6.23 29.69 10.90
C GLU A 222 4.87 29.43 10.27
N THR A 223 4.30 28.25 10.52
CA THR A 223 2.98 27.89 10.02
C THR A 223 2.09 27.50 11.20
N ALA A 224 0.82 27.88 11.11
CA ALA A 224 -0.13 27.66 12.21
C ALA A 224 -0.62 26.22 12.35
N MET A 225 -0.58 25.45 11.27
CA MET A 225 -1.12 24.09 11.28
C MET A 225 -0.28 23.15 10.45
N THR A 226 -0.33 21.88 10.83
CA THR A 226 0.18 20.80 10.02
C THR A 226 -0.74 19.58 10.14
N ILE A 227 -0.49 18.59 9.30
CA ILE A 227 -1.23 17.33 9.34
C ILE A 227 -0.19 16.25 9.52
N ASN A 228 -0.30 15.50 10.60
CA ASN A 228 0.68 14.46 10.90
C ASN A 228 0.14 13.48 11.89
N GLY A 229 0.90 12.41 12.11
CA GLY A 229 0.54 11.34 13.02
C GLY A 229 1.25 11.44 14.35
N PRO A 230 0.94 10.51 15.26
CA PRO A 230 1.49 10.53 16.62
C PRO A 230 3.02 10.56 16.73
N TRP A 231 3.71 9.89 15.81
CA TRP A 231 5.18 9.88 15.72
C TRP A 231 5.81 11.29 15.68
N ALA A 232 5.09 12.26 15.14
CA ALA A 232 5.57 13.65 15.05
C ALA A 232 5.56 14.43 16.37
N TRP A 233 4.83 13.95 17.38
CA TRP A 233 4.62 14.76 18.58
C TRP A 233 5.89 15.02 19.39
N SER A 234 6.83 14.07 19.35
CA SER A 234 8.12 14.20 20.07
C SER A 234 8.92 15.41 19.67
N ASN A 235 9.08 15.61 18.36
CA ASN A 235 9.83 16.76 17.85
C ASN A 235 9.10 18.07 18.12
N ILE A 236 7.77 18.04 18.12
CA ILE A 236 6.98 19.22 18.49
C ILE A 236 7.20 19.55 19.98
N ASP A 237 7.15 18.51 20.84
CA ASP A 237 7.47 18.69 22.27
C ASP A 237 8.82 19.37 22.48
N THR A 238 9.84 18.88 21.77
CA THR A 238 11.19 19.42 21.87
C THR A 238 11.25 20.90 21.43
N SER A 239 10.48 21.25 20.41
CA SER A 239 10.42 22.63 19.90
C SER A 239 9.73 23.64 20.83
N LYS A 240 8.95 23.13 21.79
CA LYS A 240 8.23 23.95 22.78
C LYS A 240 7.10 24.80 22.18
N VAL A 241 6.62 24.41 21.00
CA VAL A 241 5.44 25.03 20.41
C VAL A 241 4.24 24.65 21.29
N ASN A 242 3.38 25.60 21.53
CA ASN A 242 2.16 25.36 22.30
C ASN A 242 1.11 24.79 21.35
N TYR A 243 1.08 23.47 21.23
CA TYR A 243 0.29 22.81 20.20
C TYR A 243 -0.92 22.04 20.71
N GLY A 244 -1.90 21.88 19.83
CA GLY A 244 -3.06 21.03 20.06
C GLY A 244 -3.15 20.01 18.96
N VAL A 245 -3.82 18.90 19.25
CA VAL A 245 -4.08 17.82 18.29
C VAL A 245 -5.59 17.69 18.25
N THR A 246 -6.17 17.82 17.06
CA THR A 246 -7.62 17.88 16.94
C THR A 246 -8.14 17.19 15.68
N VAL A 247 -9.46 17.14 15.61
CA VAL A 247 -10.16 16.61 14.45
C VAL A 247 -9.79 17.38 13.17
N LEU A 248 -9.60 16.64 12.08
CA LEU A 248 -9.26 17.22 10.78
C LEU A 248 -10.43 18.11 10.31
N PRO A 249 -10.14 19.14 9.49
CA PRO A 249 -11.26 19.98 9.02
C PRO A 249 -12.20 19.21 8.10
N THR A 250 -13.47 19.65 8.05
CA THR A 250 -14.44 19.05 7.13
C THR A 250 -14.28 19.64 5.74
N PHE A 251 -14.75 18.90 4.74
CA PHE A 251 -14.79 19.40 3.36
C PHE A 251 -16.18 19.16 2.81
N LYS A 252 -16.79 20.21 2.27
CA LYS A 252 -18.19 20.21 1.86
C LYS A 252 -19.12 19.64 2.94
N GLY A 253 -18.83 20.01 4.19
CA GLY A 253 -19.62 19.59 5.35
C GLY A 253 -19.37 18.18 5.89
N GLN A 254 -18.47 17.44 5.27
CA GLN A 254 -18.24 16.04 5.60
C GLN A 254 -16.85 15.86 6.19
N PRO A 255 -16.70 14.88 7.11
CA PRO A 255 -15.39 14.71 7.74
C PRO A 255 -14.31 14.30 6.75
N SER A 256 -13.10 14.78 6.99
CA SER A 256 -11.93 14.22 6.34
C SER A 256 -11.79 12.77 6.82
N LYS A 257 -11.41 11.89 5.92
CA LYS A 257 -11.43 10.45 6.17
C LYS A 257 -10.04 9.88 6.01
N PRO A 258 -9.21 9.95 7.08
CA PRO A 258 -7.87 9.41 6.91
C PRO A 258 -7.87 7.89 6.74
N PHE A 259 -6.94 7.39 5.95
CA PHE A 259 -6.70 5.95 5.86
C PHE A 259 -5.91 5.56 7.10
N VAL A 260 -6.47 4.66 7.90
CA VAL A 260 -5.94 4.32 9.23
C VAL A 260 -5.01 3.12 9.09
N GLY A 261 -3.82 3.23 9.70
CA GLY A 261 -2.82 2.17 9.67
C GLY A 261 -2.61 1.56 11.03
N VAL A 262 -2.19 0.31 11.02
CA VAL A 262 -1.83 -0.45 12.20
C VAL A 262 -0.38 -0.78 11.98
N LEU A 263 0.50 -0.11 12.70
CA LEU A 263 1.91 -0.45 12.70
C LEU A 263 1.99 -1.90 13.11
N SER A 264 2.67 -2.71 12.30
CA SER A 264 2.71 -4.16 12.47
C SER A 264 4.11 -4.69 12.29
N ALA A 265 4.39 -5.84 12.89
CA ALA A 265 5.70 -6.47 12.80
C ALA A 265 5.58 -7.86 12.18
N GLY A 266 6.14 -8.03 10.98
CA GLY A 266 6.13 -9.32 10.29
C GLY A 266 7.46 -10.02 10.42
N ILE A 267 7.42 -11.34 10.37
CA ILE A 267 8.63 -12.17 10.45
C ILE A 267 8.92 -12.70 9.05
N ASN A 268 10.14 -12.44 8.59
CA ASN A 268 10.60 -12.90 7.28
C ASN A 268 10.53 -14.42 7.16
N ALA A 269 9.84 -14.89 6.13
CA ALA A 269 9.70 -16.34 5.85
C ALA A 269 11.04 -17.06 5.70
N ALA A 270 12.07 -16.35 5.23
CA ALA A 270 13.42 -16.88 5.10
C ALA A 270 14.29 -16.81 6.36
N SER A 271 13.76 -16.25 7.46
CA SER A 271 14.52 -16.13 8.70
C SER A 271 14.72 -17.51 9.34
N PRO A 272 15.97 -17.84 9.71
CA PRO A 272 16.26 -18.98 10.57
C PRO A 272 16.14 -18.65 12.08
N ASN A 273 15.64 -17.45 12.39
CA ASN A 273 15.50 -16.96 13.77
C ASN A 273 14.04 -16.72 14.16
N LYS A 274 13.12 -17.52 13.63
CA LYS A 274 11.68 -17.25 13.83
C LYS A 274 11.25 -17.37 15.29
N GLU A 275 11.80 -18.35 16.02
CA GLU A 275 11.48 -18.50 17.44
C GLU A 275 12.02 -17.34 18.28
N LEU A 276 13.24 -16.89 17.98
CA LEU A 276 13.78 -15.68 18.61
C LEU A 276 12.94 -14.45 18.33
N ALA A 277 12.51 -14.29 17.08
CA ALA A 277 11.66 -13.17 16.67
C ALA A 277 10.32 -13.16 17.40
N LYS A 278 9.67 -14.33 17.48
CA LYS A 278 8.41 -14.50 18.24
CA LYS A 278 8.41 -14.46 18.23
C LYS A 278 8.59 -14.13 19.71
N GLU A 279 9.67 -14.63 20.31
CA GLU A 279 10.00 -14.34 21.70
C GLU A 279 10.20 -12.85 21.92
N PHE A 280 10.99 -12.23 21.04
CA PHE A 280 11.24 -10.78 21.12
C PHE A 280 9.94 -9.98 21.05
N LEU A 281 9.13 -10.27 20.03
CA LEU A 281 7.92 -9.51 19.78
C LEU A 281 6.86 -9.70 20.87
N GLU A 282 6.62 -10.96 21.28
CA GLU A 282 5.57 -11.25 22.26
C GLU A 282 5.96 -10.89 23.68
N ASN A 283 7.18 -11.24 24.09
CA ASN A 283 7.59 -11.13 25.49
C ASN A 283 8.55 -10.00 25.85
N TYR A 284 8.98 -9.22 24.85
CA TYR A 284 9.78 -8.01 25.10
C TYR A 284 9.09 -6.76 24.56
N LEU A 285 8.75 -6.72 23.27
CA LEU A 285 8.14 -5.53 22.68
C LEU A 285 6.70 -5.33 23.12
N LEU A 286 5.86 -6.34 22.93
CA LEU A 286 4.43 -6.22 23.22
C LEU A 286 4.11 -6.44 24.70
N THR A 287 4.76 -5.63 25.53
CA THR A 287 4.56 -5.56 26.96
C THR A 287 4.42 -4.08 27.30
N ASP A 288 3.94 -3.76 28.50
CA ASP A 288 3.83 -2.34 28.92
C ASP A 288 5.18 -1.63 28.81
N GLU A 289 6.24 -2.31 29.27
CA GLU A 289 7.59 -1.73 29.34
C GLU A 289 8.21 -1.60 27.95
N GLY A 290 7.97 -2.58 27.09
CA GLY A 290 8.51 -2.56 25.74
C GLY A 290 7.93 -1.43 24.91
N LEU A 291 6.60 -1.34 24.91
CA LEU A 291 5.90 -0.29 24.17
C LEU A 291 6.18 1.09 24.74
N GLU A 292 6.29 1.20 26.07
CA GLU A 292 6.68 2.46 26.70
C GLU A 292 8.04 2.96 26.19
N ALA A 293 9.01 2.05 26.11
CA ALA A 293 10.36 2.38 25.60
C ALA A 293 10.31 2.97 24.19
N VAL A 294 9.50 2.36 23.32
CA VAL A 294 9.32 2.86 21.96
C VAL A 294 8.52 4.17 21.98
N ASN A 295 7.42 4.17 22.72
CA ASN A 295 6.51 5.34 22.79
C ASN A 295 7.18 6.62 23.31
N LYS A 296 8.08 6.47 24.28
CA LYS A 296 8.86 7.60 24.81
C LYS A 296 9.82 8.22 23.81
N ASP A 297 10.30 7.41 22.87
CA ASP A 297 11.13 7.87 21.77
C ASP A 297 10.26 8.66 20.77
N LYS A 298 9.33 7.98 20.10
CA LYS A 298 8.34 8.61 19.22
C LYS A 298 6.99 7.96 19.51
N PRO A 299 5.93 8.75 19.78
CA PRO A 299 4.67 8.11 20.16
C PRO A 299 4.11 7.19 19.10
N LEU A 300 3.59 6.05 19.55
CA LEU A 300 3.06 5.01 18.68
C LEU A 300 1.62 5.27 18.19
N GLY A 301 0.88 6.09 18.91
CA GLY A 301 -0.57 6.22 18.72
C GLY A 301 -1.31 5.35 19.73
N ALA A 302 -2.42 4.78 19.30
CA ALA A 302 -3.26 3.95 20.18
C ALA A 302 -2.77 2.51 20.10
N VAL A 303 -2.07 2.07 21.14
CA VAL A 303 -1.38 0.77 21.08
C VAL A 303 -2.38 -0.41 21.10
N ALA A 304 -1.95 -1.49 20.47
CA ALA A 304 -2.75 -2.70 20.36
C ALA A 304 -2.87 -3.42 21.71
N LEU A 305 -1.87 -3.26 22.58
CA LEU A 305 -1.85 -3.90 23.88
C LEU A 305 -2.81 -3.20 24.83
N LYS A 306 -3.87 -3.91 25.21
CA LYS A 306 -4.97 -3.34 26.00
C LYS A 306 -4.51 -2.68 27.29
N SER A 307 -3.63 -3.36 28.02
CA SER A 307 -3.18 -2.88 29.32
C SER A 307 -2.48 -1.52 29.24
N TYR A 308 -1.60 -1.34 28.26
CA TYR A 308 -0.91 -0.06 28.08
C TYR A 308 -1.80 1.00 27.42
N GLU A 309 -2.67 0.59 26.50
CA GLU A 309 -3.61 1.54 25.87
C GLU A 309 -4.59 2.17 26.88
N GLU A 310 -4.94 1.44 27.93
CA GLU A 310 -5.76 2.01 29.00
C GLU A 310 -5.11 3.23 29.67
N GLU A 311 -3.78 3.23 29.79
CA GLU A 311 -3.04 4.40 30.26
C GLU A 311 -3.05 5.50 29.20
N LEU A 312 -2.59 5.15 27.99
CA LEU A 312 -2.46 6.13 26.89
C LEU A 312 -3.77 6.80 26.44
N ALA A 313 -4.90 6.10 26.57
CA ALA A 313 -6.20 6.62 26.15
C ALA A 313 -6.66 7.88 26.90
N LYS A 314 -6.12 8.11 28.09
CA LYS A 314 -6.40 9.32 28.87
C LYS A 314 -5.81 10.61 28.26
N ASP A 315 -4.83 10.46 27.38
CA ASP A 315 -4.19 11.58 26.68
C ASP A 315 -5.16 12.15 25.62
N PRO A 316 -5.49 13.47 25.70
CA PRO A 316 -6.31 14.12 24.66
C PRO A 316 -5.80 13.99 23.22
N ARG A 317 -4.48 13.89 23.05
CA ARG A 317 -3.90 13.70 21.73
C ARG A 317 -4.27 12.33 21.14
N ILE A 318 -4.33 11.32 22.01
CA ILE A 318 -4.77 9.97 21.61
C ILE A 318 -6.28 9.92 21.37
N ALA A 319 -7.05 10.60 22.22
CA ALA A 319 -8.49 10.76 21.97
C ALA A 319 -8.74 11.36 20.59
N ALA A 320 -8.00 12.42 20.26
CA ALA A 320 -8.11 13.07 18.95
C ALA A 320 -7.69 12.15 17.79
N THR A 321 -6.63 11.38 18.01
CA THR A 321 -6.18 10.36 17.04
C THR A 321 -7.32 9.36 16.75
N MET A 322 -7.94 8.84 17.80
CA MET A 322 -9.01 7.86 17.64
C MET A 322 -10.31 8.46 17.09
N GLU A 323 -10.57 9.74 17.37
CA GLU A 323 -11.70 10.43 16.76
C GLU A 323 -11.53 10.49 15.25
N ASN A 324 -10.35 10.91 14.81
CA ASN A 324 -10.03 10.93 13.37
C ASN A 324 -10.04 9.53 12.75
N ALA A 325 -9.52 8.55 13.48
CA ALA A 325 -9.55 7.15 13.01
C ALA A 325 -10.96 6.65 12.76
N GLN A 326 -11.88 6.96 13.67
CA GLN A 326 -13.28 6.50 13.54
C GLN A 326 -14.04 7.18 12.39
N LYS A 327 -13.64 8.42 12.05
CA LYS A 327 -14.14 9.09 10.86
C LYS A 327 -13.52 8.56 9.58
N GLY A 328 -12.31 8.00 9.68
CA GLY A 328 -11.62 7.39 8.55
C GLY A 328 -11.98 5.93 8.37
N GLU A 329 -11.07 5.19 7.73
CA GLU A 329 -11.26 3.78 7.45
C GLU A 329 -9.93 3.04 7.57
N ILE A 330 -9.97 1.87 8.18
CA ILE A 330 -8.80 0.99 8.22
CA ILE A 330 -8.78 1.01 8.22
C ILE A 330 -8.41 0.64 6.79
N MET A 331 -7.12 0.74 6.48
CA MET A 331 -6.65 0.41 5.15
C MET A 331 -6.89 -1.06 4.83
N PRO A 332 -7.20 -1.36 3.56
CA PRO A 332 -7.11 -2.76 3.12
C PRO A 332 -5.67 -3.24 3.20
N ASN A 333 -5.48 -4.55 3.29
CA ASN A 333 -4.14 -5.14 3.16
C ASN A 333 -4.00 -5.95 1.87
N ILE A 334 -4.95 -5.80 0.93
CA ILE A 334 -4.90 -6.51 -0.34
C ILE A 334 -3.59 -6.22 -1.10
N PRO A 335 -3.08 -7.19 -1.88
CA PRO A 335 -1.82 -7.00 -2.62
C PRO A 335 -1.78 -5.78 -3.55
N GLN A 336 -2.94 -5.30 -3.96
CA GLN A 336 -3.08 -4.18 -4.90
C GLN A 336 -2.89 -2.80 -4.25
N MET A 337 -2.74 -2.73 -2.93
CA MET A 337 -2.52 -1.45 -2.24
C MET A 337 -1.25 -0.71 -2.69
N SER A 338 -0.17 -1.44 -2.92
CA SER A 338 1.09 -0.84 -3.41
C SER A 338 0.85 -0.06 -4.71
N ALA A 339 0.16 -0.70 -5.66
CA ALA A 339 -0.17 -0.06 -6.94
C ALA A 339 -1.12 1.13 -6.78
N PHE A 340 -2.13 0.99 -5.92
CA PHE A 340 -3.03 2.11 -5.58
C PHE A 340 -2.24 3.30 -5.08
N TRP A 341 -1.37 3.06 -4.10
CA TRP A 341 -0.59 4.14 -3.52
C TRP A 341 0.34 4.81 -4.54
N TYR A 342 1.00 4.01 -5.37
CA TYR A 342 1.85 4.55 -6.44
C TYR A 342 1.05 5.43 -7.41
N ALA A 343 -0.13 4.93 -7.79
CA ALA A 343 -1.01 5.64 -8.72
C ALA A 343 -1.44 6.99 -8.14
N VAL A 344 -1.92 6.98 -6.91
CA VAL A 344 -2.41 8.21 -6.26
C VAL A 344 -1.26 9.16 -5.93
N ARG A 345 -0.11 8.62 -5.54
CA ARG A 345 1.10 9.45 -5.29
C ARG A 345 1.43 10.29 -6.51
N THR A 346 1.52 9.62 -7.66
CA THR A 346 1.82 10.27 -8.94
C THR A 346 0.75 11.31 -9.29
N ALA A 347 -0.52 10.97 -9.06
CA ALA A 347 -1.63 11.87 -9.36
C ALA A 347 -1.58 13.17 -8.57
N VAL A 348 -1.37 13.06 -7.26
CA VAL A 348 -1.33 14.24 -6.39
C VAL A 348 -0.14 15.13 -6.77
N ILE A 349 1.03 14.52 -6.94
CA ILE A 349 2.25 15.25 -7.32
C ILE A 349 2.08 15.97 -8.66
N ASN A 350 1.56 15.24 -9.66
CA ASN A 350 1.36 15.84 -10.99
C ASN A 350 0.30 16.94 -11.01
N ALA A 351 -0.79 16.75 -10.28
CA ALA A 351 -1.84 17.77 -10.18
C ALA A 351 -1.32 19.00 -9.43
N ALA A 352 -0.59 18.77 -8.35
CA ALA A 352 0.00 19.85 -7.56
C ALA A 352 1.05 20.69 -8.31
N SER A 353 1.87 20.05 -9.14
CA SER A 353 2.91 20.72 -9.92
C SER A 353 2.39 21.38 -11.21
N GLY A 354 1.20 20.99 -11.65
CA GLY A 354 0.63 21.48 -12.91
C GLY A 354 1.00 20.63 -14.12
N ARG A 355 1.73 19.54 -13.91
CA ARG A 355 2.13 18.61 -14.99
C ARG A 355 0.89 17.99 -15.65
N GLN A 356 -0.10 17.65 -14.84
CA GLN A 356 -1.42 17.24 -15.30
C GLN A 356 -2.49 18.08 -14.63
N THR A 357 -3.66 18.17 -15.29
CA THR A 357 -4.87 18.69 -14.64
C THR A 357 -5.38 17.65 -13.64
N VAL A 358 -6.29 18.07 -12.78
CA VAL A 358 -6.93 17.15 -11.82
C VAL A 358 -7.60 15.97 -12.54
N ASP A 359 -8.35 16.26 -13.60
CA ASP A 359 -9.02 15.22 -14.41
C ASP A 359 -8.02 14.24 -15.01
N GLU A 360 -6.99 14.75 -15.66
CA GLU A 360 -5.92 13.92 -16.25
C GLU A 360 -5.24 13.05 -15.20
N ALA A 361 -4.91 13.66 -14.07
CA ALA A 361 -4.18 13.01 -12.97
C ALA A 361 -4.96 11.85 -12.38
N LEU A 362 -6.21 12.11 -12.01
CA LEU A 362 -7.07 11.07 -11.43
C LEU A 362 -7.51 10.00 -12.43
N LYS A 363 -7.69 10.36 -13.71
CA LYS A 363 -7.93 9.37 -14.75
C LYS A 363 -6.81 8.33 -14.79
N ASP A 364 -5.56 8.80 -14.81
CA ASP A 364 -4.40 7.91 -14.81
C ASP A 364 -4.34 7.06 -13.54
N ALA A 365 -4.66 7.67 -12.40
CA ALA A 365 -4.67 6.95 -11.12
C ALA A 365 -5.72 5.84 -11.09
N GLN A 366 -6.90 6.11 -11.68
CA GLN A 366 -7.95 5.11 -11.79
C GLN A 366 -7.44 3.93 -12.61
N THR A 367 -6.91 4.23 -13.80
CA THR A 367 -6.35 3.21 -14.68
C THR A 367 -5.27 2.37 -13.98
N GLY A 368 -4.34 3.04 -13.30
CA GLY A 368 -3.29 2.37 -12.54
C GLY A 368 -3.80 1.46 -11.43
N SER A 369 -4.80 1.95 -10.70
CA SER A 369 -5.40 1.20 -9.58
C SER A 369 -6.27 0.03 -10.03
N GLU A 370 -6.92 0.17 -11.20
CA GLU A 370 -7.73 -0.90 -11.82
C GLU A 370 -6.91 -1.95 -12.57
N LEU A 371 -5.64 -1.66 -12.84
CA LEU A 371 -4.86 -2.41 -13.84
C LEU A 371 -4.75 -3.90 -13.55
N TYR A 372 -4.38 -4.24 -12.32
CA TYR A 372 -4.23 -5.65 -11.96
C TYR A 372 -5.51 -6.45 -12.19
N ARG A 373 -6.60 -6.00 -11.58
CA ARG A 373 -7.86 -6.75 -11.61
C ARG A 373 -8.48 -6.87 -13.02
N GLN A 374 -8.41 -5.79 -13.80
CA GLN A 374 -8.89 -5.82 -15.17
C GLN A 374 -8.04 -6.75 -16.02
N SER A 375 -6.72 -6.66 -15.87
CA SER A 375 -5.80 -7.54 -16.60
C SER A 375 -6.04 -9.00 -16.27
N LEU A 376 -6.22 -9.29 -14.97
CA LEU A 376 -6.54 -10.64 -14.54
C LEU A 376 -7.85 -11.15 -15.13
N GLU A 377 -8.89 -10.32 -15.15
CA GLU A 377 -10.18 -10.74 -15.69
C GLU A 377 -10.05 -11.18 -17.16
N ILE A 378 -9.34 -10.38 -17.97
CA ILE A 378 -9.12 -10.64 -19.38
C ILE A 378 -8.29 -11.91 -19.58
N ILE A 379 -7.16 -11.97 -18.87
CA ILE A 379 -6.20 -13.06 -19.05
C ILE A 379 -6.76 -14.38 -18.54
N SER A 380 -7.39 -14.36 -17.36
CA SER A 380 -8.02 -15.55 -16.81
CA SER A 380 -8.01 -15.57 -16.81
C SER A 380 -9.10 -16.08 -17.73
N ARG A 381 -9.95 -15.19 -18.21
CA ARG A 381 -11.04 -15.59 -19.10
C ARG A 381 -10.51 -16.20 -20.40
N TYR A 382 -9.51 -15.57 -21.02
CA TYR A 382 -8.93 -16.09 -22.26
C TYR A 382 -8.32 -17.48 -22.05
N LEU A 383 -7.47 -17.61 -21.04
CA LEU A 383 -6.86 -18.91 -20.73
C LEU A 383 -7.90 -20.01 -20.48
N ARG A 384 -8.93 -19.71 -19.70
CA ARG A 384 -9.93 -20.70 -19.33
C ARG A 384 -10.84 -21.10 -20.51
N GLU A 385 -11.26 -20.13 -21.31
CA GLU A 385 -12.05 -20.46 -22.51
C GLU A 385 -11.24 -21.19 -23.59
N GLN A 386 -9.95 -20.87 -23.71
CA GLN A 386 -9.07 -21.58 -24.64
C GLN A 386 -8.90 -23.04 -24.23
N ALA A 387 -8.70 -23.26 -22.93
CA ALA A 387 -8.52 -24.60 -22.39
C ALA A 387 -9.75 -25.48 -22.46
N THR A 388 -10.91 -24.91 -22.13
CA THR A 388 -12.17 -25.66 -22.04
C THR A 388 -12.99 -25.66 -23.34
N GLY A 389 -12.75 -24.70 -24.22
CA GLY A 389 -13.54 -24.51 -25.43
C GLY A 389 -14.85 -23.74 -25.26
N ALA A 390 -15.15 -23.30 -24.03
CA ALA A 390 -16.40 -22.60 -23.74
C ALA A 390 -16.13 -21.31 -22.95
N ALA A 391 -16.85 -20.25 -23.28
CA ALA A 391 -16.63 -18.94 -22.66
C ALA A 391 -17.25 -18.87 -21.27
N ASP A 392 -16.77 -17.91 -20.49
CA ASP A 392 -17.30 -17.62 -19.17
C ASP A 392 -18.52 -16.73 -19.33
N THR A 393 -19.65 -17.20 -18.79
CA THR A 393 -20.94 -16.50 -18.90
C THR A 393 -21.13 -15.40 -17.84
N ALA A 394 -20.28 -15.40 -16.81
CA ALA A 394 -20.38 -14.42 -15.73
C ALA A 394 -20.22 -12.97 -16.26
N PRO A 395 -20.99 -12.02 -15.71
CA PRO A 395 -20.81 -10.59 -16.05
C PRO A 395 -19.38 -10.09 -15.84
N MET A 396 -18.90 -9.25 -16.76
CA MET A 396 -17.57 -8.64 -16.64
C MET A 396 -17.44 -7.69 -15.44
N GLY A 397 -18.52 -7.00 -15.11
CA GLY A 397 -18.52 -6.06 -13.99
C GLY A 397 -18.02 -4.68 -14.38
N ALA A 398 -17.33 -4.01 -13.45
CA ALA A 398 -16.83 -2.65 -13.64
C ALA A 398 -15.89 -2.56 -14.86
N SER A 399 -16.04 -1.47 -15.63
CA SER A 399 -15.31 -1.28 -16.88
CA SER A 399 -15.31 -1.28 -16.88
C SER A 399 -15.47 -2.47 -17.83
N GLY A 400 -16.70 -2.99 -17.89
CA GLY A 400 -17.02 -4.22 -18.61
C GLY A 400 -16.91 -4.17 -20.12
N ALA A 401 -17.21 -3.01 -20.71
CA ALA A 401 -17.06 -2.83 -22.16
C ALA A 401 -15.61 -2.98 -22.58
N THR A 402 -14.70 -2.38 -21.80
CA THR A 402 -13.25 -2.50 -22.03
C THR A 402 -12.78 -3.94 -21.95
N SER A 403 -13.15 -4.62 -20.87
CA SER A 403 -12.79 -6.05 -20.66
C SER A 403 -13.33 -6.93 -21.78
N ARG A 404 -14.60 -6.73 -22.11
CA ARG A 404 -15.26 -7.47 -23.18
C ARG A 404 -14.56 -7.23 -24.53
N LYS A 405 -14.32 -5.97 -24.87
CA LYS A 405 -13.66 -5.61 -26.12
C LYS A 405 -12.19 -6.02 -26.16
N ALA A 406 -11.51 -5.96 -25.03
CA ALA A 406 -10.14 -6.46 -24.92
C ALA A 406 -10.09 -7.97 -25.13
N LEU A 407 -11.03 -8.69 -24.51
CA LEU A 407 -11.12 -10.14 -24.69
C LEU A 407 -11.42 -10.52 -26.13
N GLU A 408 -12.38 -9.83 -26.78
CA GLU A 408 -12.67 -10.16 -28.17
CA GLU A 408 -12.71 -10.07 -28.20
C GLU A 408 -11.52 -9.76 -29.10
N THR A 409 -10.81 -8.67 -28.79
CA THR A 409 -9.58 -8.32 -29.52
C THR A 409 -8.51 -9.40 -29.34
N LEU A 410 -8.32 -9.83 -28.09
CA LEU A 410 -7.37 -10.87 -27.77
C LEU A 410 -7.69 -12.19 -28.48
N ARG A 411 -8.97 -12.55 -28.57
CA ARG A 411 -9.41 -13.74 -29.32
C ARG A 411 -8.96 -13.69 -30.79
N ARG A 412 -9.10 -12.53 -31.41
CA ARG A 412 -8.71 -12.33 -32.80
C ARG A 412 -7.19 -12.41 -32.99
N VAL A 413 -6.46 -11.57 -32.26
CA VAL A 413 -5.02 -11.43 -32.46
C VAL A 413 -4.23 -12.58 -31.82
N GLY A 414 -4.67 -13.03 -30.66
CA GLY A 414 -4.02 -14.13 -29.92
C GLY A 414 -4.08 -15.47 -30.63
N ASP A 415 -5.24 -15.80 -31.18
CA ASP A 415 -5.40 -17.02 -31.99
C ASP A 415 -4.56 -16.99 -33.27
N GLY A 416 -4.30 -15.79 -33.79
CA GLY A 416 -3.37 -15.61 -34.91
C GLY A 416 -1.94 -15.95 -34.54
N VAL A 417 -1.51 -15.51 -33.36
CA VAL A 417 -0.16 -15.82 -32.84
C VAL A 417 0.02 -17.33 -32.64
N GLN A 418 -0.89 -17.95 -31.89
CA GLN A 418 -0.86 -19.39 -31.58
C GLN A 418 -0.81 -20.28 -32.82
N ARG A 419 -1.60 -19.92 -33.83
CA ARG A 419 -1.66 -20.67 -35.10
C ARG A 419 -0.36 -20.51 -35.88
N ASN A 420 0.03 -19.25 -36.12
CA ASN A 420 1.23 -18.94 -36.91
C ASN A 420 2.52 -19.44 -36.26
N HIS A 421 2.58 -19.41 -34.93
CA HIS A 421 3.78 -19.83 -34.18
C HIS A 421 3.59 -21.15 -33.42
N GLU A 422 2.77 -22.05 -33.97
CA GLU A 422 2.48 -23.33 -33.31
C GLU A 422 3.72 -24.19 -33.05
N THR A 423 4.66 -24.21 -34.01
CA THR A 423 5.88 -25.01 -33.88
C THR A 423 6.78 -24.53 -32.73
N ALA A 424 7.04 -23.23 -32.69
CA ALA A 424 7.82 -22.62 -31.61
C ALA A 424 7.13 -22.73 -30.25
N PHE A 425 5.80 -22.62 -30.26
CA PHE A 425 4.98 -22.81 -29.06
C PHE A 425 5.09 -24.26 -28.56
N GLN A 426 4.99 -25.22 -29.48
CA GLN A 426 5.23 -26.63 -29.17
C GLN A 426 6.63 -26.92 -28.65
N GLY A 427 7.64 -26.31 -29.28
CA GLY A 427 9.03 -26.41 -28.85
C GLY A 427 9.28 -25.91 -27.43
N MET A 428 8.73 -24.72 -27.12
CA MET A 428 8.81 -24.15 -25.77
CA MET A 428 8.83 -24.15 -25.76
C MET A 428 8.03 -24.97 -24.75
N LEU A 429 6.82 -25.39 -25.13
CA LEU A 429 5.97 -26.17 -24.24
C LEU A 429 6.68 -27.47 -23.81
N ARG A 430 7.24 -28.18 -24.77
CA ARG A 430 7.99 -29.42 -24.50
C ARG A 430 9.30 -29.17 -23.74
N LYS A 431 10.00 -28.09 -24.07
CA LYS A 431 11.27 -27.74 -23.40
C LYS A 431 11.04 -27.33 -21.94
N LEU A 432 10.01 -26.54 -21.71
CA LEU A 432 9.62 -26.14 -20.34
C LEU A 432 9.11 -27.33 -19.52
N ASP A 433 8.42 -28.26 -20.18
CA ASP A 433 7.97 -29.53 -19.56
C ASP A 433 7.14 -29.27 -18.30
N ILE A 434 5.99 -28.64 -18.50
CA ILE A 434 5.13 -28.16 -17.42
C ILE A 434 4.14 -29.28 -17.05
N LYS A 435 4.30 -29.81 -15.84
CA LYS A 435 3.53 -30.97 -15.36
C LYS A 435 2.57 -30.68 -14.20
N ASN A 436 2.82 -29.61 -13.44
CA ASN A 436 2.09 -29.38 -12.19
C ASN A 436 2.24 -27.95 -11.67
N GLU A 437 1.54 -27.65 -10.57
CA GLU A 437 1.57 -26.34 -9.91
C GLU A 437 2.98 -25.84 -9.54
N ASP A 438 3.89 -26.75 -9.19
CA ASP A 438 5.29 -26.39 -8.90
C ASP A 438 6.04 -25.89 -10.14
N ASP A 439 5.88 -26.58 -11.27
CA ASP A 439 6.48 -26.16 -12.54
C ASP A 439 5.90 -24.83 -13.03
N VAL A 440 4.60 -24.62 -12.80
CA VAL A 440 3.94 -23.33 -13.10
C VAL A 440 4.57 -22.19 -12.29
N LYS A 441 4.86 -22.43 -11.02
CA LYS A 441 5.53 -21.43 -10.15
C LYS A 441 6.88 -20.95 -10.71
N SER A 442 7.61 -21.81 -11.40
CA SER A 442 8.91 -21.46 -11.99
C SER A 442 8.85 -20.56 -13.25
N LEU A 443 7.68 -20.48 -13.88
CA LEU A 443 7.51 -19.72 -15.13
C LEU A 443 7.66 -18.20 -15.02
N SER A 444 7.36 -17.64 -13.85
CA SER A 444 7.46 -16.19 -13.63
C SER A 444 8.84 -15.63 -13.98
N ARG A 445 9.89 -16.24 -13.44
CA ARG A 445 11.28 -15.85 -13.74
C ARG A 445 11.61 -15.93 -15.23
N VAL A 446 11.07 -16.94 -15.90
CA VAL A 446 11.31 -17.14 -17.34
C VAL A 446 10.55 -16.08 -18.16
N MET A 447 9.31 -15.83 -17.78
CA MET A 447 8.51 -14.75 -18.38
C MET A 447 9.18 -13.39 -18.24
N ILE A 448 9.67 -13.09 -17.04
CA ILE A 448 10.42 -11.85 -16.78
C ILE A 448 11.67 -11.74 -17.66
N HIS A 449 12.41 -12.85 -17.77
CA HIS A 449 13.64 -12.88 -18.58
C HIS A 449 13.37 -12.70 -20.08
N VAL A 450 12.35 -13.38 -20.60
CA VAL A 450 12.04 -13.37 -22.03
C VAL A 450 11.13 -12.19 -22.42
N PHE A 451 9.98 -12.09 -21.78
CA PHE A 451 9.00 -11.05 -22.14
C PHE A 451 9.44 -9.65 -21.70
N SER A 452 9.64 -9.48 -20.39
CA SER A 452 9.84 -8.16 -19.80
C SER A 452 11.11 -7.43 -20.25
N ASP A 453 12.21 -8.17 -20.41
CA ASP A 453 13.48 -7.60 -20.87
C ASP A 453 13.48 -7.21 -22.36
N GLY A 454 12.61 -7.85 -23.14
CA GLY A 454 12.44 -7.50 -24.55
C GLY A 454 11.67 -6.20 -24.75
N VAL A 455 11.44 -5.85 -26.02
CA VAL A 455 10.75 -4.61 -26.40
C VAL A 455 9.32 -4.62 -25.86
N THR A 456 8.84 -3.46 -25.41
CA THR A 456 7.46 -3.33 -24.93
C THR A 456 6.55 -2.86 -26.06
N ASN A 457 5.65 -3.75 -26.48
CA ASN A 457 4.55 -3.39 -27.38
C ASN A 457 3.38 -4.36 -27.19
N TRP A 458 2.23 -4.01 -27.77
CA TRP A 458 1.03 -4.83 -27.65
C TRP A 458 1.17 -6.20 -28.32
N GLY A 459 1.94 -6.29 -29.40
CA GLY A 459 2.23 -7.57 -30.05
C GLY A 459 2.87 -8.59 -29.12
N ARG A 460 3.92 -8.16 -28.42
CA ARG A 460 4.64 -9.04 -27.49
C ARG A 460 3.84 -9.34 -26.23
N ILE A 461 2.97 -8.41 -25.83
CA ILE A 461 1.99 -8.67 -24.77
C ILE A 461 0.99 -9.76 -25.19
N VAL A 462 0.52 -9.72 -26.44
CA VAL A 462 -0.35 -10.78 -26.98
C VAL A 462 0.37 -12.14 -26.99
N THR A 463 1.64 -12.15 -27.39
CA THR A 463 2.42 -13.39 -27.37
C THR A 463 2.51 -13.98 -25.96
N LEU A 464 2.81 -13.13 -24.98
CA LEU A 464 2.89 -13.53 -23.57
C LEU A 464 1.61 -14.25 -23.15
N ILE A 465 0.47 -13.64 -23.45
CA ILE A 465 -0.82 -14.16 -23.05
C ILE A 465 -1.22 -15.39 -23.88
N SER A 466 -0.93 -15.36 -25.18
CA SER A 466 -1.26 -16.44 -26.11
C SER A 466 -0.49 -17.72 -25.80
N PHE A 467 0.79 -17.59 -25.49
CA PHE A 467 1.55 -18.75 -25.03
C PHE A 467 1.01 -19.26 -23.69
N GLY A 468 0.58 -18.34 -22.83
CA GLY A 468 -0.15 -18.69 -21.62
C GLY A 468 -1.38 -19.54 -21.89
N ALA A 469 -2.16 -19.15 -22.89
CA ALA A 469 -3.32 -19.95 -23.33
C ALA A 469 -2.92 -21.33 -23.85
N PHE A 470 -1.82 -21.37 -24.61
CA PHE A 470 -1.25 -22.63 -25.12
C PHE A 470 -0.90 -23.58 -23.98
N VAL A 471 -0.27 -23.04 -22.94
CA VAL A 471 0.07 -23.80 -21.73
C VAL A 471 -1.20 -24.23 -20.99
N ALA A 472 -2.18 -23.32 -20.88
CA ALA A 472 -3.45 -23.65 -20.22
C ALA A 472 -4.17 -24.82 -20.89
N LYS A 473 -4.18 -24.82 -22.23
CA LYS A 473 -4.75 -25.93 -23.01
C LYS A 473 -4.08 -27.25 -22.64
N HIS A 474 -2.75 -27.21 -22.57
CA HIS A 474 -1.96 -28.37 -22.18
C HIS A 474 -2.28 -28.85 -20.75
N LEU A 475 -2.38 -27.91 -19.80
CA LEU A 475 -2.71 -28.24 -18.40
C LEU A 475 -4.07 -28.94 -18.26
N LYS A 476 -5.07 -28.47 -19.00
CA LYS A 476 -6.40 -29.11 -19.07
CA LYS A 476 -6.40 -29.11 -19.07
C LYS A 476 -6.29 -30.55 -19.57
N THR A 477 -5.60 -30.72 -20.69
CA THR A 477 -5.43 -32.03 -21.34
C THR A 477 -4.86 -33.06 -20.36
N ILE A 478 -3.82 -32.68 -19.63
CA ILE A 478 -3.17 -33.57 -18.65
C ILE A 478 -3.83 -33.59 -17.25
N ASN A 479 -5.09 -33.18 -17.14
CA ASN A 479 -5.85 -33.18 -15.87
C ASN A 479 -5.20 -32.32 -14.79
N GLN A 480 -4.66 -31.17 -15.22
CA GLN A 480 -4.08 -30.17 -14.33
C GLN A 480 -4.83 -28.85 -14.50
N GLU A 481 -6.15 -28.94 -14.63
CA GLU A 481 -7.00 -27.75 -14.84
C GLU A 481 -6.91 -26.76 -13.66
N SER A 482 -6.69 -27.29 -12.46
CA SER A 482 -6.48 -26.46 -11.25
C SER A 482 -5.28 -25.50 -11.31
N CYS A 483 -4.33 -25.75 -12.21
CA CYS A 483 -3.17 -24.89 -12.40
C CYS A 483 -3.42 -23.66 -13.26
N ILE A 484 -4.53 -23.62 -13.99
CA ILE A 484 -4.78 -22.54 -14.94
C ILE A 484 -4.95 -21.17 -14.25
N GLU A 485 -5.72 -21.11 -13.16
CA GLU A 485 -5.92 -19.82 -12.48
C GLU A 485 -4.61 -19.27 -11.85
N PRO A 486 -3.82 -20.13 -11.16
CA PRO A 486 -2.45 -19.73 -10.77
C PRO A 486 -1.58 -19.23 -11.93
N LEU A 487 -1.68 -19.89 -13.08
CA LEU A 487 -0.97 -19.47 -14.28
C LEU A 487 -1.40 -18.08 -14.73
N ALA A 488 -2.72 -17.86 -14.80
CA ALA A 488 -3.28 -16.55 -15.15
C ALA A 488 -2.81 -15.45 -14.20
N GLU A 489 -2.82 -15.75 -12.90
CA GLU A 489 -2.34 -14.80 -11.89
C GLU A 489 -0.85 -14.47 -12.07
N SER A 490 -0.05 -15.48 -12.40
CA SER A 490 1.38 -15.29 -12.63
C SER A 490 1.67 -14.41 -13.84
N ILE A 491 1.00 -14.69 -14.95
CA ILE A 491 1.15 -13.88 -16.18
C ILE A 491 0.75 -12.42 -15.91
N THR A 492 -0.36 -12.25 -15.21
CA THR A 492 -0.90 -10.94 -14.90
C THR A 492 0.08 -10.14 -14.04
N ASP A 493 0.59 -10.78 -12.99
CA ASP A 493 1.60 -10.17 -12.13
C ASP A 493 2.80 -9.66 -12.92
N VAL A 494 3.36 -10.52 -13.78
CA VAL A 494 4.50 -10.15 -14.63
C VAL A 494 4.17 -8.96 -15.52
N LEU A 495 3.03 -9.03 -16.19
CA LEU A 495 2.62 -7.97 -17.10
C LEU A 495 2.47 -6.63 -16.39
N VAL A 496 1.67 -6.60 -15.33
CA VAL A 496 1.30 -5.32 -14.71
C VAL A 496 2.43 -4.74 -13.84
N ARG A 497 3.26 -5.62 -13.25
CA ARG A 497 4.43 -5.17 -12.49
C ARG A 497 5.51 -4.56 -13.38
N THR A 498 5.93 -5.32 -14.40
CA THR A 498 7.06 -4.91 -15.22
C THR A 498 6.71 -3.84 -16.26
N LYS A 499 5.44 -3.74 -16.65
CA LYS A 499 5.01 -2.78 -17.68
C LYS A 499 3.98 -1.76 -17.19
N ARG A 500 3.88 -1.60 -15.88
CA ARG A 500 2.97 -0.64 -15.22
C ARG A 500 2.90 0.73 -15.91
N ASP A 501 4.05 1.39 -16.01
CA ASP A 501 4.13 2.76 -16.53
C ASP A 501 3.75 2.81 -18.01
N TRP A 502 4.25 1.86 -18.79
CA TRP A 502 3.88 1.76 -20.21
C TRP A 502 2.37 1.52 -20.37
N LEU A 503 1.82 0.59 -19.61
CA LEU A 503 0.38 0.29 -19.69
C LEU A 503 -0.50 1.50 -19.37
N VAL A 504 -0.16 2.25 -18.32
CA VAL A 504 -0.92 3.45 -17.96
C VAL A 504 -0.84 4.52 -19.07
N LYS A 505 0.34 4.69 -19.64
CA LYS A 505 0.51 5.60 -20.81
C LYS A 505 -0.37 5.24 -22.02
N GLN A 506 -0.66 3.96 -22.21
CA GLN A 506 -1.54 3.51 -23.32
C GLN A 506 -3.03 3.62 -23.02
N ARG A 507 -3.42 4.15 -21.87
CA ARG A 507 -4.80 4.08 -21.37
C ARG A 507 -5.20 2.63 -21.14
N GLY A 508 -4.26 1.84 -20.64
CA GLY A 508 -4.45 0.44 -20.34
C GLY A 508 -5.06 -0.34 -21.50
N TRP A 509 -6.06 -1.16 -21.18
CA TRP A 509 -6.67 -2.04 -22.16
C TRP A 509 -7.49 -1.32 -23.24
N ASP A 510 -7.89 -0.07 -23.00
CA ASP A 510 -8.48 0.75 -24.07
C ASP A 510 -7.47 1.00 -25.20
N GLY A 511 -6.21 1.22 -24.85
CA GLY A 511 -5.13 1.35 -25.84
C GLY A 511 -4.95 0.10 -26.67
N PHE A 512 -4.98 -1.06 -26.00
CA PHE A 512 -4.93 -2.36 -26.66
C PHE A 512 -6.02 -2.51 -27.72
N VAL A 513 -7.26 -2.21 -27.32
CA VAL A 513 -8.42 -2.31 -28.22
C VAL A 513 -8.27 -1.36 -29.42
N GLU A 514 -7.80 -0.13 -29.18
CA GLU A 514 -7.54 0.84 -30.25
C GLU A 514 -6.44 0.39 -31.20
N PHE A 515 -5.34 -0.12 -30.63
CA PHE A 515 -4.16 -0.52 -31.40
C PHE A 515 -4.48 -1.58 -32.46
N PHE A 516 -5.27 -2.58 -32.09
CA PHE A 516 -5.67 -3.68 -32.98
C PHE A 516 -7.07 -3.55 -33.59
N HIS A 517 -7.64 -2.34 -33.60
CA HIS A 517 -8.94 -2.12 -34.21
C HIS A 517 -8.87 -2.40 -35.71
N VAL A 518 -9.88 -3.11 -36.22
CA VAL A 518 -9.91 -3.55 -37.63
C VAL A 518 -10.17 -2.36 -38.55
C1 GLC B . 3.96 6.98 8.26
C2 GLC B . 2.89 5.92 8.45
C3 GLC B . 2.65 5.11 7.18
C4 GLC B . 2.47 6.03 5.97
C5 GLC B . 3.60 7.03 5.85
C6 GLC B . 3.38 8.07 4.75
O1 GLC B . 5.24 6.37 8.12
O2 GLC B . 3.28 5.01 9.48
O3 GLC B . 1.49 4.27 7.37
O4 GLC B . 2.43 5.20 4.80
O5 GLC B . 3.73 7.77 7.09
O6 GLC B . 4.61 8.65 4.31
C1 GLC B . 1.14 4.95 4.27
C2 GLC B . 1.05 3.48 3.86
C3 GLC B . 2.09 3.20 2.80
C4 GLC B . 1.87 4.12 1.60
C5 GLC B . 1.86 5.59 2.04
C6 GLC B . 1.42 6.52 0.92
O2 GLC B . 1.26 2.67 5.03
O3 GLC B . 2.02 1.80 2.41
O4 GLC B . 2.87 3.90 0.60
O5 GLC B . 0.93 5.76 3.12
O6 GLC B . 1.78 7.89 1.20
CL CL C . 6.97 0.23 -14.94
CL CL D . 25.77 -14.55 14.83
C1 EDO E . -15.83 18.84 12.62
O1 EDO E . -16.21 17.88 13.61
C2 EDO E . -14.33 19.05 12.73
O2 EDO E . -13.73 19.76 11.64
C1 PEG F . 11.26 -5.17 27.37
O1 PEG F . 10.07 -5.78 27.86
C2 PEG F . 11.72 -4.05 28.31
O2 PEG F . 11.91 -2.85 27.57
C3 PEG F . 12.29 -1.75 28.38
C4 PEG F . 13.58 -1.16 27.83
O4 PEG F . 14.19 -0.29 28.81
C1 EDO G . 14.89 9.29 17.45
O1 EDO G . 14.24 8.05 17.11
C2 EDO G . 15.75 9.74 16.28
O2 EDO G . 14.92 10.18 15.21
C1 EDO H . -8.16 -6.36 5.72
O1 EDO H . -8.41 -5.75 4.44
C2 EDO H . -7.29 -5.44 6.57
O2 EDO H . -8.00 -4.24 6.94
C1 YKL I . 4.07 -8.51 -35.84
C3 YKL I . 3.79 -9.73 -33.79
C6 YKL I . 0.57 -10.21 -32.23
C7 YKL I . 2.99 -10.74 -31.96
C8 YKL I . 4.17 -10.49 -32.65
C15 YKL I . 8.10 -12.66 -28.29
C17 YKL I . 7.69 -13.12 -26.95
C18 YKL I . 6.81 -12.35 -26.15
C19 YKL I . 6.42 -12.80 -24.93
C23 YKL I . 7.30 -16.59 -22.51
C24 YKL I . 8.67 -17.12 -22.04
C27 YKL I . 6.43 -18.27 -20.81
C31 YKL I . 3.87 -17.21 -21.00
C32 YKL I . 4.90 -16.69 -21.75
C33 YKL I . 6.20 -17.21 -21.68
C34 YKL I . 7.09 -16.91 -24.01
C36 YKL I . 8.91 -17.13 -25.70
C37 YKL I . 8.31 -17.63 -27.00
C39 YKL I . 7.15 -18.62 -26.93
C40 YKL I . 7.34 -19.47 -28.20
O41 YKL I . 8.74 -19.49 -28.46
O2 YKL I . 4.63 -9.26 -34.76
N4 YKL I . 2.49 -9.56 -33.75
N5 YKL I . 1.98 -10.18 -32.62
C9 YKL I . 5.53 -10.91 -32.28
O10 YKL I . 6.43 -10.88 -33.12
N11 YKL I . 5.80 -11.30 -31.01
S12 YKL I . 7.30 -11.79 -30.49
O13 YKL I . 8.20 -10.69 -30.56
N14 YKL I . 7.12 -12.25 -29.09
O16 YKL I . 9.28 -12.71 -28.61
C20 YKL I . 6.88 -14.05 -24.45
O21 YKL I . 6.45 -14.40 -23.23
C22 YKL I . 7.33 -15.04 -22.28
C25 YKL I . 8.68 -18.63 -21.82
C26 YKL I . 7.79 -18.92 -20.62
C28 YKL I . 5.40 -18.79 -20.05
C29 YKL I . 4.13 -18.26 -20.14
CL30 YKL I . 2.84 -18.92 -19.21
N35 YKL I . 8.24 -16.15 -24.72
C42 YKL I . 9.41 -18.37 -27.83
C44 YKL I . 10.14 -17.54 -28.91
C45 YKL I . 11.23 -18.37 -29.63
N46 YKL I . 12.44 -18.71 -28.83
C47 YKL I . 13.70 -18.48 -29.57
C48 YKL I . 14.91 -18.72 -28.66
N49 YKL I . 14.89 -20.12 -28.20
C50 YKL I . 16.03 -20.39 -27.29
C51 YKL I . 16.00 -21.85 -26.80
O52 YKL I . 14.72 -22.18 -26.25
C53 YKL I . 13.61 -21.93 -27.14
C54 YKL I . 13.62 -20.43 -27.51
C56 YKL I . 12.42 -20.13 -28.41
O57 YKL I . 10.72 -16.39 -28.25
C58 YKL I . 11.57 -15.45 -28.93
C59 YKL I . 9.13 -17.19 -29.97
F60 YKL I . 8.75 -18.18 -30.81
C61 YKL I . 8.59 -16.01 -30.14
C62 YKL I . 7.59 -15.80 -31.26
C63 YKL I . 6.88 -14.47 -31.10
C65 YKL I . 5.59 -14.45 -31.92
C66 YKL I . 7.76 -13.27 -31.46
C67 YKL I . 7.75 -14.90 -25.28
C68 YKL I . 8.15 -14.37 -26.51
#